data_1E70
#
_entry.id   1E70
#
_cell.length_a   135.300
_cell.length_b   137.200
_cell.length_c   80.600
_cell.angle_alpha   90.00
_cell.angle_beta   90.00
_cell.angle_gamma   90.00
#
_symmetry.space_group_name_H-M   'C 2 2 21'
#
loop_
_entity.id
_entity.type
_entity.pdbx_description
1 polymer 'MYROSINASE MA1'
2 branched 2-acetamido-2-deoxy-beta-D-glucopyranose-(1-4)-2-acetamido-2-deoxy-beta-D-glucopyranose
3 branched beta-D-xylopyranose-(1-2)-beta-D-mannopyranose-(1-4)-2-acetamido-2-deoxy-beta-D-glucopyranose-(1-4)-[alpha-L-fucopyranose-(1-3)]2-acetamido-2-deoxy-beta-D-glucopyranose
4 branched beta-D-xylopyranose-(1-2)-[alpha-D-mannopyranose-(1-3)]alpha-D-mannopyranose-(1-4)-2-acetamido-2-deoxy-beta-D-glucopyranose-(1-4)-[alpha-L-fucopyranose-(1-3)]2-acetamido-2-deoxy-beta-D-glucopyranose
5 non-polymer 2-acetamido-2-deoxy-beta-D-glucopyranose
6 non-polymer 2-deoxy-2-fluoro-alpha-D-glucopyranose
7 non-polymer 'ZINC ION'
8 non-polymer 'SULFATE ION'
9 non-polymer GLYCEROL
10 water water
#
_entity_poly.entity_id   1
_entity_poly.type   'polypeptide(L)'
_entity_poly.pdbx_seq_one_letter_code
;DEEITCQENLPFTCGNTDALNSSSFSSDFIFGVASSAYQIEGTIGRGLNIWDGFTHRYPNKSGPDHGNGDTTCDSFSYWQ
KDIDVLDELNATGYRFSIAWSRIIPRGKRSRGVNEKGIDYYHGLISGLIKKGITPFVTLFHWDLPQTLQDEYEGFLDPQI
IDDFKDYADLCFEEFGDSVKYWLTINQLYSVPTRGYGSALDAPGRCSPTVDPSCYAGNSSTEPYIVAHHQLLAHAKVVDL
YRKNYTHQGGKIGPTMITRWFLPYNDTDRHSIAATERMKEFFLGWFMGPLTNGTYPQIMIDTVGERLPSFSPEESNLVKG
SYDFLGLNYYFTQYAQPSPNPVNSTNHTAMMDAGAKLTYINASGHYIGPLFEKDKADSTDNIYYYPKGIYSVMDYFKNKY
YNPLIYVTENGISTPGDENRNQSMLDYTRIDYLCSHLCFLNKVIKEKDVNVKGYLAWALGDNYEFNKGFTVRFGLSYIDW
NNVTDRDLKKSGQWYQSFISP
;
_entity_poly.pdbx_strand_id   M
#
loop_
_chem_comp.id
_chem_comp.type
_chem_comp.name
_chem_comp.formula
BMA D-saccharide, beta linking beta-D-mannopyranose 'C6 H12 O6'
FUC L-saccharide, alpha linking alpha-L-fucopyranose 'C6 H12 O5'
G2F D-saccharide, alpha linking 2-deoxy-2-fluoro-alpha-D-glucopyranose 'C6 H11 F O5'
GOL non-polymer GLYCEROL 'C3 H8 O3'
MAN D-saccharide, alpha linking alpha-D-mannopyranose 'C6 H12 O6'
NAG D-saccharide, beta linking 2-acetamido-2-deoxy-beta-D-glucopyranose 'C8 H15 N O6'
SO4 non-polymer 'SULFATE ION' 'O4 S -2'
XYP D-saccharide, beta linking beta-D-xylopyranose 'C5 H10 O5'
ZN non-polymer 'ZINC ION' 'Zn 2'
#
# COMPACT_ATOMS: atom_id res chain seq x y z
N GLU A 3 -30.89 9.14 2.64
CA GLU A 3 -30.39 8.19 1.60
C GLU A 3 -29.29 8.88 0.77
N ILE A 4 -28.18 8.17 0.70
CA ILE A 4 -27.01 8.64 -0.04
C ILE A 4 -26.93 7.99 -1.40
N THR A 5 -26.78 8.83 -2.41
CA THR A 5 -26.63 8.34 -3.76
C THR A 5 -25.23 8.76 -4.19
N CYS A 6 -24.48 7.81 -4.70
CA CYS A 6 -23.15 8.11 -5.19
C CYS A 6 -23.07 7.69 -6.67
N GLN A 7 -22.33 8.43 -7.46
CA GLN A 7 -22.18 8.10 -8.88
C GLN A 7 -21.10 7.06 -9.10
N GLU A 8 -21.27 6.24 -10.13
CA GLU A 8 -20.32 5.25 -10.55
C GLU A 8 -19.66 5.55 -11.89
N ASN A 9 -20.28 6.50 -12.64
CA ASN A 9 -19.79 6.78 -14.00
C ASN A 9 -19.64 8.29 -14.28
N LEU A 10 -18.75 8.61 -15.19
CA LEU A 10 -18.61 10.07 -15.49
C LEU A 10 -19.91 10.53 -16.13
N PRO A 11 -20.29 11.77 -15.91
CA PRO A 11 -19.53 12.73 -15.15
C PRO A 11 -19.93 12.71 -13.69
N PHE A 12 -18.94 13.09 -12.85
CA PHE A 12 -19.25 13.08 -11.43
C PHE A 12 -19.61 14.51 -11.01
N THR A 13 -20.31 14.61 -9.91
CA THR A 13 -20.65 15.93 -9.33
C THR A 13 -20.24 16.06 -7.87
N CYS A 14 -19.40 15.12 -7.39
CA CYS A 14 -19.05 15.15 -5.97
C CYS A 14 -17.95 16.11 -5.67
N GLY A 15 -17.40 16.88 -6.60
CA GLY A 15 -16.38 17.84 -6.44
C GLY A 15 -16.92 19.15 -5.76
N ASN A 16 -18.22 19.19 -5.63
CA ASN A 16 -18.92 20.31 -5.09
C ASN A 16 -18.95 20.22 -3.60
N THR A 17 -18.19 21.03 -2.89
CA THR A 17 -18.16 20.89 -1.44
C THR A 17 -19.44 21.23 -0.67
N ASP A 18 -20.44 21.79 -1.37
CA ASP A 18 -21.75 21.93 -0.79
C ASP A 18 -22.43 20.56 -0.56
N ALA A 19 -22.15 19.60 -1.43
CA ALA A 19 -22.77 18.30 -1.43
C ALA A 19 -22.02 17.20 -0.68
N LEU A 20 -20.70 17.28 -0.66
CA LEU A 20 -19.82 16.33 -0.01
C LEU A 20 -18.63 17.08 0.57
N ASN A 21 -18.50 16.92 1.90
CA ASN A 21 -17.39 17.45 2.66
C ASN A 21 -17.08 16.66 3.94
N SER A 22 -16.11 17.13 4.71
CA SER A 22 -15.69 16.45 5.92
C SER A 22 -16.79 16.38 6.97
N SER A 23 -17.72 17.33 6.96
CA SER A 23 -18.86 17.32 7.86
C SER A 23 -19.87 16.22 7.50
N SER A 24 -19.77 15.63 6.33
CA SER A 24 -20.62 14.50 5.95
C SER A 24 -20.23 13.29 6.79
N PHE A 25 -19.01 13.25 7.32
CA PHE A 25 -18.45 12.16 8.12
C PHE A 25 -18.48 12.46 9.62
N SER A 26 -18.24 11.47 10.49
CA SER A 26 -18.27 11.72 11.94
C SER A 26 -17.26 12.77 12.30
N SER A 27 -17.51 13.52 13.40
CA SER A 27 -16.60 14.57 13.79
C SER A 27 -15.20 14.10 14.12
N ASP A 28 -14.98 12.89 14.59
CA ASP A 28 -13.61 12.50 14.90
C ASP A 28 -12.85 11.92 13.69
N PHE A 29 -13.45 11.82 12.53
CA PHE A 29 -12.83 11.17 11.39
C PHE A 29 -11.58 11.94 10.94
N ILE A 30 -10.51 11.19 10.71
CA ILE A 30 -9.23 11.74 10.29
C ILE A 30 -9.11 11.82 8.77
N PHE A 31 -8.70 13.01 8.31
CA PHE A 31 -8.41 13.21 6.91
C PHE A 31 -6.98 13.63 6.69
N GLY A 32 -6.30 13.02 5.69
CA GLY A 32 -4.96 13.44 5.38
C GLY A 32 -4.50 12.87 4.07
N VAL A 33 -3.17 12.76 4.01
CA VAL A 33 -2.48 12.21 2.85
C VAL A 33 -1.38 11.28 3.35
N ALA A 34 -0.75 10.58 2.41
CA ALA A 34 0.26 9.58 2.69
C ALA A 34 1.47 9.68 1.79
N SER A 35 2.56 9.04 2.23
CA SER A 35 3.81 8.97 1.51
C SER A 35 4.62 7.77 1.97
N SER A 36 5.73 7.53 1.29
CA SER A 36 6.65 6.48 1.78
C SER A 36 8.08 6.95 1.65
N ALA A 37 9.02 6.48 2.49
CA ALA A 37 10.36 6.99 2.62
C ALA A 37 11.19 6.86 1.34
N TYR A 38 11.17 5.67 0.72
CA TYR A 38 12.00 5.54 -0.50
C TYR A 38 11.53 6.56 -1.56
N GLN A 39 10.22 6.76 -1.59
CA GLN A 39 9.62 7.60 -2.61
C GLN A 39 9.90 9.08 -2.45
N ILE A 40 10.13 9.53 -1.22
CA ILE A 40 10.28 10.96 -1.01
C ILE A 40 11.57 11.46 -0.41
N GLU A 41 12.38 10.73 0.35
CA GLU A 41 13.45 11.32 1.12
C GLU A 41 14.73 11.56 0.36
N GLY A 42 15.16 10.63 -0.47
CA GLY A 42 16.47 10.61 -1.06
C GLY A 42 17.39 9.77 -0.17
N THR A 43 18.53 9.39 -0.76
CA THR A 43 19.49 8.52 -0.12
C THR A 43 20.39 9.29 0.85
N ILE A 44 20.46 10.60 0.81
CA ILE A 44 21.29 11.34 1.74
C ILE A 44 20.97 10.96 3.17
N GLY A 45 22.04 10.65 3.94
CA GLY A 45 21.87 10.37 5.33
C GLY A 45 21.44 8.95 5.71
N ARG A 46 21.26 8.10 4.72
CA ARG A 46 20.85 6.72 5.05
C ARG A 46 21.75 5.70 4.38
N GLY A 47 21.67 4.43 4.81
CA GLY A 47 22.32 3.34 4.14
C GLY A 47 21.50 2.95 2.87
N LEU A 48 21.94 1.89 2.27
CA LEU A 48 21.31 1.40 1.04
C LEU A 48 20.34 0.28 1.29
N ASN A 49 19.27 0.32 0.54
CA ASN A 49 18.19 -0.70 0.66
C ASN A 49 17.92 -1.40 -0.66
N ILE A 50 17.08 -2.46 -0.65
CA ILE A 50 16.80 -3.22 -1.87
C ILE A 50 16.08 -2.43 -2.98
N TRP A 51 15.46 -1.28 -2.68
CA TRP A 51 14.89 -0.48 -3.77
C TRP A 51 15.99 0.26 -4.48
N ASP A 52 17.01 0.68 -3.70
CA ASP A 52 18.21 1.29 -4.29
C ASP A 52 18.87 0.16 -5.10
N GLY A 53 19.03 -1.03 -4.55
CA GLY A 53 19.71 -2.11 -5.24
C GLY A 53 19.00 -2.48 -6.54
N PHE A 54 17.71 -2.66 -6.46
CA PHE A 54 16.86 -3.14 -7.59
C PHE A 54 16.86 -2.10 -8.68
N THR A 55 16.63 -0.82 -8.30
CA THR A 55 16.60 0.22 -9.32
C THR A 55 17.94 0.48 -10.01
N HIS A 56 19.07 0.22 -9.36
CA HIS A 56 20.38 0.40 -9.94
C HIS A 56 20.80 -0.85 -10.70
N ARG A 57 20.46 -2.07 -10.28
CA ARG A 57 20.85 -3.28 -10.95
C ARG A 57 19.99 -3.53 -12.22
N TYR A 58 18.74 -3.14 -12.13
CA TYR A 58 17.75 -3.38 -13.20
C TYR A 58 17.04 -2.07 -13.52
N PRO A 59 17.79 -1.17 -14.14
CA PRO A 59 17.25 0.19 -14.36
C PRO A 59 16.02 0.20 -15.25
N ASN A 60 15.91 -0.76 -16.18
CA ASN A 60 14.67 -0.72 -16.99
C ASN A 60 13.47 -1.21 -16.19
N LYS A 61 13.63 -1.77 -15.00
CA LYS A 61 12.52 -2.14 -14.14
C LYS A 61 12.21 -1.02 -13.16
N SER A 62 13.10 -0.04 -13.03
CA SER A 62 12.88 1.05 -12.08
C SER A 62 11.75 1.94 -12.58
N GLY A 63 11.68 2.05 -13.92
CA GLY A 63 10.63 2.83 -14.59
C GLY A 63 11.13 3.09 -16.03
N PRO A 64 10.23 3.48 -16.92
CA PRO A 64 10.59 3.70 -18.32
C PRO A 64 11.63 4.78 -18.47
N ASP A 65 11.72 5.75 -17.58
CA ASP A 65 12.75 6.78 -17.61
C ASP A 65 14.00 6.40 -16.84
N HIS A 66 14.04 5.15 -16.32
CA HIS A 66 15.12 4.70 -15.43
C HIS A 66 15.24 5.55 -14.17
N GLY A 67 14.22 6.29 -13.76
CA GLY A 67 14.30 7.13 -12.57
C GLY A 67 14.33 6.26 -11.31
N ASN A 68 14.85 6.84 -10.25
CA ASN A 68 14.86 6.14 -8.96
C ASN A 68 14.70 7.11 -7.81
N GLY A 69 14.84 6.66 -6.57
CA GLY A 69 14.68 7.48 -5.40
C GLY A 69 15.92 8.16 -4.85
N ASP A 70 16.96 8.32 -5.68
CA ASP A 70 18.21 8.92 -5.21
C ASP A 70 18.05 10.31 -4.61
N THR A 71 17.25 11.11 -5.30
CA THR A 71 17.07 12.47 -4.71
C THR A 71 15.60 12.77 -4.60
N THR A 72 14.79 12.37 -5.59
CA THR A 72 13.36 12.55 -5.64
C THR A 72 12.91 13.90 -5.16
N CYS A 73 11.85 14.04 -4.36
CA CYS A 73 11.50 15.37 -3.89
C CYS A 73 12.31 15.83 -2.70
N ASP A 74 13.33 15.11 -2.24
CA ASP A 74 14.19 15.62 -1.18
C ASP A 74 13.43 16.08 0.02
N SER A 75 12.65 15.11 0.57
CA SER A 75 11.98 15.35 1.85
C SER A 75 12.98 15.19 2.97
N PHE A 76 14.19 14.69 2.69
CA PHE A 76 15.21 14.73 3.73
C PHE A 76 15.44 16.23 4.09
N SER A 77 15.65 17.04 3.05
CA SER A 77 15.89 18.44 3.23
C SER A 77 14.60 19.21 3.48
N TYR A 78 13.55 18.86 2.77
CA TYR A 78 12.33 19.65 2.80
C TYR A 78 11.17 19.07 3.56
N TRP A 79 11.46 18.31 4.63
CA TRP A 79 10.35 17.79 5.44
C TRP A 79 9.43 18.89 5.99
N GLN A 80 9.98 20.08 6.27
CA GLN A 80 9.15 21.17 6.77
C GLN A 80 8.14 21.59 5.71
N LYS A 81 8.54 21.50 4.42
CA LYS A 81 7.61 21.84 3.35
C LYS A 81 6.50 20.82 3.26
N ASP A 82 6.76 19.56 3.61
CA ASP A 82 5.64 18.59 3.64
C ASP A 82 4.69 18.98 4.75
N ILE A 83 5.19 19.30 5.97
CA ILE A 83 4.35 19.73 7.07
C ILE A 83 3.55 20.96 6.61
N ASP A 84 4.19 21.90 5.92
CA ASP A 84 3.46 23.05 5.41
C ASP A 84 2.30 22.71 4.49
N VAL A 85 2.40 21.72 3.62
CA VAL A 85 1.32 21.26 2.77
C VAL A 85 0.17 20.76 3.64
N LEU A 86 0.49 19.91 4.62
CA LEU A 86 -0.49 19.36 5.53
C LEU A 86 -1.20 20.45 6.33
N ASP A 87 -0.40 21.47 6.72
CA ASP A 87 -0.95 22.61 7.47
C ASP A 87 -1.89 23.41 6.58
N GLU A 88 -1.54 23.63 5.32
CA GLU A 88 -2.40 24.26 4.32
C GLU A 88 -3.71 23.53 4.11
N LEU A 89 -3.64 22.19 4.07
CA LEU A 89 -4.83 21.37 3.91
C LEU A 89 -5.71 21.32 5.14
N ASN A 90 -5.19 21.74 6.29
CA ASN A 90 -5.80 21.54 7.57
C ASN A 90 -6.01 20.03 7.85
N ALA A 91 -5.00 19.26 7.43
CA ALA A 91 -5.06 17.80 7.57
C ALA A 91 -5.00 17.44 9.04
N THR A 92 -5.63 16.32 9.39
CA THR A 92 -5.53 15.83 10.74
C THR A 92 -4.71 14.55 10.81
N GLY A 93 -4.30 14.01 9.70
CA GLY A 93 -3.45 12.82 9.71
C GLY A 93 -2.44 12.90 8.57
N TYR A 94 -1.33 12.18 8.80
CA TYR A 94 -0.32 12.02 7.78
C TYR A 94 0.31 10.64 7.95
N ARG A 95 0.25 9.86 6.90
CA ARG A 95 0.88 8.54 6.93
C ARG A 95 2.24 8.68 6.25
N PHE A 96 3.32 8.32 6.90
CA PHE A 96 4.66 8.36 6.35
C PHE A 96 5.34 7.05 6.75
N SER A 97 6.45 6.75 6.07
CA SER A 97 7.15 5.55 6.55
C SER A 97 8.52 5.94 7.06
N ILE A 98 9.04 5.13 8.00
CA ILE A 98 10.41 5.22 8.44
C ILE A 98 11.27 4.32 7.55
N ALA A 99 12.36 4.83 7.06
CA ALA A 99 13.37 4.11 6.33
C ALA A 99 14.23 3.32 7.34
N TRP A 100 14.06 2.01 7.33
CA TRP A 100 14.91 1.16 8.19
C TRP A 100 16.36 1.56 8.01
N SER A 101 16.82 1.72 6.76
CA SER A 101 18.18 2.05 6.41
C SER A 101 18.62 3.42 6.88
N ARG A 102 17.68 4.31 7.30
CA ARG A 102 18.10 5.61 7.84
C ARG A 102 18.39 5.46 9.33
N ILE A 103 17.67 4.57 10.01
CA ILE A 103 17.95 4.50 11.48
C ILE A 103 18.82 3.35 11.84
N ILE A 104 18.83 2.27 11.08
CA ILE A 104 19.77 1.19 11.30
C ILE A 104 20.36 0.83 9.93
N PRO A 105 21.32 1.59 9.43
CA PRO A 105 21.94 1.37 8.14
C PRO A 105 22.51 -0.03 7.98
N ARG A 106 22.97 -0.65 9.08
CA ARG A 106 23.57 -1.97 8.99
C ARG A 106 22.54 -3.09 9.21
N GLY A 107 21.25 -2.78 9.20
CA GLY A 107 20.16 -3.71 9.29
C GLY A 107 19.87 -4.31 10.68
N LYS A 108 20.84 -4.98 11.23
CA LYS A 108 20.72 -5.58 12.56
C LYS A 108 21.07 -4.51 13.59
N ARG A 109 20.13 -4.31 14.51
CA ARG A 109 20.25 -3.29 15.55
C ARG A 109 21.49 -3.41 16.42
N SER A 110 21.99 -4.60 16.71
CA SER A 110 23.20 -4.68 17.51
C SER A 110 24.43 -4.10 16.84
N ARG A 111 24.40 -3.83 15.52
CA ARG A 111 25.45 -3.24 14.77
C ARG A 111 25.51 -1.74 14.95
N GLY A 112 24.51 -1.13 15.61
CA GLY A 112 24.51 0.26 15.92
C GLY A 112 23.37 1.00 15.23
N VAL A 113 23.08 2.20 15.73
CA VAL A 113 22.00 2.98 15.18
C VAL A 113 22.57 4.30 14.68
N ASN A 114 21.86 4.93 13.77
CA ASN A 114 22.21 6.23 13.25
C ASN A 114 21.39 7.28 13.98
N GLU A 115 22.05 7.89 14.98
CA GLU A 115 21.39 8.89 15.83
C GLU A 115 20.91 10.09 15.03
N LYS A 116 21.63 10.48 13.98
CA LYS A 116 21.14 11.60 13.17
C LYS A 116 19.87 11.19 12.42
N GLY A 117 19.81 9.92 11.99
CA GLY A 117 18.57 9.47 11.33
C GLY A 117 17.40 9.42 12.26
N ILE A 118 17.64 9.05 13.55
CA ILE A 118 16.59 9.09 14.56
C ILE A 118 16.08 10.52 14.76
N ASP A 119 17.04 11.46 14.81
CA ASP A 119 16.68 12.87 14.96
C ASP A 119 15.88 13.43 13.80
N TYR A 120 16.19 12.97 12.60
CA TYR A 120 15.35 13.38 11.44
C TYR A 120 13.89 13.06 11.71
N TYR A 121 13.53 11.84 12.14
CA TYR A 121 12.14 11.47 12.39
C TYR A 121 11.58 12.16 13.64
N HIS A 122 12.43 12.38 14.65
CA HIS A 122 11.98 13.15 15.83
C HIS A 122 11.47 14.52 15.44
N GLY A 123 12.24 15.20 14.59
CA GLY A 123 11.91 16.55 14.14
C GLY A 123 10.64 16.57 13.31
N LEU A 124 10.52 15.57 12.43
CA LEU A 124 9.29 15.51 11.65
C LEU A 124 8.06 15.32 12.54
N ILE A 125 8.15 14.32 13.45
CA ILE A 125 7.02 13.94 14.29
C ILE A 125 6.58 15.12 15.19
N SER A 126 7.61 15.78 15.72
CA SER A 126 7.38 16.92 16.59
C SER A 126 6.71 18.01 15.77
N GLY A 127 7.16 18.26 14.56
CA GLY A 127 6.55 19.28 13.72
C GLY A 127 5.13 18.94 13.35
N LEU A 128 4.82 17.66 13.08
CA LEU A 128 3.48 17.30 12.75
C LEU A 128 2.55 17.57 13.93
N ILE A 129 2.99 17.03 15.09
CA ILE A 129 2.13 17.07 16.27
C ILE A 129 1.88 18.51 16.61
N LYS A 130 2.87 19.36 16.45
CA LYS A 130 2.65 20.77 16.71
C LYS A 130 1.73 21.43 15.73
N LYS A 131 1.34 20.86 14.60
CA LYS A 131 0.36 21.49 13.74
C LYS A 131 -0.96 20.73 13.84
N GLY A 132 -1.07 19.89 14.88
CA GLY A 132 -2.30 19.14 15.07
C GLY A 132 -2.48 17.97 14.10
N ILE A 133 -1.39 17.42 13.61
CA ILE A 133 -1.51 16.33 12.62
C ILE A 133 -1.14 15.01 13.29
N THR A 134 -2.02 14.04 13.25
CA THR A 134 -1.71 12.74 13.81
C THR A 134 -0.88 11.89 12.85
N PRO A 135 0.30 11.47 13.25
CA PRO A 135 1.12 10.56 12.44
C PRO A 135 0.60 9.13 12.46
N PHE A 136 0.57 8.51 11.28
CA PHE A 136 0.31 7.11 11.04
C PHE A 136 1.61 6.59 10.41
N VAL A 137 2.42 5.82 11.14
CA VAL A 137 3.78 5.55 10.71
C VAL A 137 3.99 4.11 10.27
N THR A 138 4.38 3.95 9.02
CA THR A 138 4.65 2.61 8.47
C THR A 138 6.08 2.25 8.78
N LEU A 139 6.33 1.13 9.50
CA LEU A 139 7.64 0.67 9.79
C LEU A 139 8.35 0.14 8.55
N PHE A 140 7.62 -0.59 7.67
CA PHE A 140 8.28 -1.18 6.53
C PHE A 140 7.46 -0.98 5.24
N HIS A 141 7.93 -0.03 4.47
CA HIS A 141 7.33 0.23 3.16
C HIS A 141 8.27 -0.19 2.05
N TRP A 142 8.71 -1.45 2.17
CA TRP A 142 9.43 -2.22 1.19
C TRP A 142 10.94 -2.07 1.06
N ASP A 143 11.46 -1.04 1.73
CA ASP A 143 12.83 -0.59 1.63
C ASP A 143 13.73 -1.28 2.65
N LEU A 144 13.91 -2.57 2.42
CA LEU A 144 14.71 -3.42 3.32
C LEU A 144 16.19 -3.11 3.11
N PRO A 145 16.96 -2.93 4.19
CA PRO A 145 18.39 -2.73 4.08
C PRO A 145 18.94 -3.85 3.22
N GLN A 146 19.81 -3.44 2.30
CA GLN A 146 20.38 -4.26 1.26
C GLN A 146 21.21 -5.37 1.93
N THR A 147 21.89 -5.03 3.02
CA THR A 147 22.69 -6.00 3.76
C THR A 147 21.84 -7.21 4.15
N LEU A 148 20.59 -7.04 4.56
CA LEU A 148 19.78 -8.20 4.97
C LEU A 148 19.40 -9.07 3.78
N GLN A 149 19.11 -8.46 2.63
CA GLN A 149 18.84 -9.25 1.44
C GLN A 149 20.04 -10.05 1.01
N ASP A 150 21.26 -9.46 1.20
CA ASP A 150 22.49 -10.12 0.79
C ASP A 150 22.91 -11.14 1.83
N GLU A 151 22.57 -10.96 3.10
CA GLU A 151 23.00 -11.97 4.07
C GLU A 151 22.12 -13.23 3.97
N TYR A 152 20.81 -13.02 3.82
CA TYR A 152 19.96 -14.22 3.87
C TYR A 152 18.75 -14.12 2.94
N GLU A 153 18.73 -13.15 2.04
CA GLU A 153 17.63 -12.98 1.11
C GLU A 153 16.37 -12.52 1.83
N GLY A 154 16.60 -11.57 2.79
CA GLY A 154 15.54 -10.85 3.41
C GLY A 154 14.37 -11.70 3.86
N PHE A 155 13.16 -11.38 3.39
CA PHE A 155 11.96 -12.10 3.78
C PHE A 155 11.88 -13.53 3.31
N LEU A 156 12.82 -13.96 2.47
CA LEU A 156 12.83 -15.39 2.08
C LEU A 156 13.25 -16.22 3.27
N ASP A 157 13.92 -15.68 4.26
CA ASP A 157 14.46 -16.47 5.39
C ASP A 157 13.86 -16.09 6.69
N PRO A 158 13.66 -17.05 7.63
CA PRO A 158 13.12 -16.70 8.93
C PRO A 158 13.99 -15.82 9.82
N GLN A 159 15.24 -15.57 9.47
CA GLN A 159 16.12 -14.62 10.14
C GLN A 159 15.57 -13.21 10.14
N ILE A 160 14.70 -12.95 9.12
CA ILE A 160 14.08 -11.63 9.04
C ILE A 160 13.17 -11.33 10.23
N ILE A 161 12.58 -12.32 10.90
CA ILE A 161 11.65 -12.04 11.98
C ILE A 161 12.34 -11.27 13.08
N ASP A 162 13.46 -11.79 13.61
CA ASP A 162 14.16 -11.13 14.72
C ASP A 162 14.79 -9.80 14.34
N ASP A 163 15.28 -9.65 13.10
CA ASP A 163 15.85 -8.36 12.71
C ASP A 163 14.73 -7.34 12.59
N PHE A 164 13.56 -7.76 12.06
CA PHE A 164 12.44 -6.83 11.95
C PHE A 164 11.94 -6.45 13.34
N LYS A 165 11.91 -7.45 14.24
CA LYS A 165 11.47 -7.18 15.62
C LYS A 165 12.36 -6.17 16.31
N ASP A 166 13.69 -6.32 16.26
CA ASP A 166 14.62 -5.41 16.88
C ASP A 166 14.53 -4.00 16.29
N TYR A 167 14.26 -3.93 14.97
CA TYR A 167 14.08 -2.62 14.34
C TYR A 167 12.82 -1.91 14.83
N ALA A 168 11.71 -2.64 14.91
CA ALA A 168 10.46 -2.16 15.38
C ALA A 168 10.58 -1.70 16.84
N ASP A 169 11.30 -2.52 17.63
CA ASP A 169 11.50 -2.16 19.05
C ASP A 169 12.15 -0.78 19.19
N LEU A 170 13.18 -0.52 18.40
CA LEU A 170 13.90 0.76 18.36
C LEU A 170 12.92 1.86 17.98
N CYS A 171 12.08 1.66 16.96
CA CYS A 171 11.09 2.70 16.62
C CYS A 171 10.13 2.99 17.75
N PHE A 172 9.62 1.94 18.41
CA PHE A 172 8.66 2.14 19.52
C PHE A 172 9.35 2.88 20.67
N GLU A 173 10.55 2.47 20.98
CA GLU A 173 11.31 3.10 22.08
C GLU A 173 11.53 4.58 21.80
N GLU A 174 11.95 4.89 20.55
CA GLU A 174 12.30 6.25 20.19
C GLU A 174 11.14 7.16 19.91
N PHE A 175 10.11 6.69 19.21
CA PHE A 175 9.03 7.55 18.79
C PHE A 175 7.66 7.28 19.34
N GLY A 176 7.46 6.15 20.06
CA GLY A 176 6.14 5.74 20.48
C GLY A 176 5.50 6.60 21.55
N ASP A 177 6.30 7.44 22.20
CA ASP A 177 5.69 8.39 23.15
C ASP A 177 4.86 9.42 22.41
N SER A 178 5.17 9.68 21.13
CA SER A 178 4.39 10.57 20.31
C SER A 178 3.55 9.92 19.24
N VAL A 179 3.95 8.79 18.67
CA VAL A 179 3.26 8.09 17.63
C VAL A 179 2.31 7.03 18.19
N LYS A 180 1.06 7.15 17.82
CA LYS A 180 0.05 6.27 18.43
C LYS A 180 -0.63 5.37 17.42
N TYR A 181 -0.23 5.50 16.14
CA TYR A 181 -0.78 4.64 15.12
C TYR A 181 0.40 4.14 14.28
N TRP A 182 0.59 2.84 14.34
CA TRP A 182 1.67 2.18 13.64
C TRP A 182 1.13 1.15 12.64
N LEU A 183 1.79 1.18 11.49
CA LEU A 183 1.55 0.16 10.45
C LEU A 183 2.78 -0.69 10.39
N THR A 184 2.66 -2.01 10.28
CA THR A 184 3.80 -2.88 10.17
C THR A 184 4.40 -3.01 8.78
N ILE A 185 3.78 -3.79 7.91
CA ILE A 185 4.24 -4.00 6.56
C ILE A 185 3.24 -3.47 5.53
N ASN A 186 3.77 -2.58 4.64
CA ASN A 186 2.88 -2.09 3.58
C ASN A 186 2.45 -3.17 2.58
N GLN A 187 1.15 -3.26 2.30
CA GLN A 187 0.52 -4.16 1.34
C GLN A 187 1.15 -5.54 1.33
N LEU A 188 0.71 -6.37 2.25
CA LEU A 188 1.28 -7.70 2.38
C LEU A 188 1.31 -8.51 1.08
N TYR A 189 0.36 -8.41 0.18
CA TYR A 189 0.35 -9.17 -1.06
C TYR A 189 1.46 -8.79 -2.02
N SER A 190 1.92 -7.53 -1.96
CA SER A 190 2.83 -7.03 -2.97
C SER A 190 4.22 -7.57 -3.09
N VAL A 191 5.00 -7.62 -1.99
CA VAL A 191 6.34 -8.11 -2.09
C VAL A 191 6.39 -9.55 -2.55
N PRO A 192 5.58 -10.42 -1.93
CA PRO A 192 5.59 -11.81 -2.37
C PRO A 192 5.38 -12.01 -3.86
N THR A 193 4.36 -11.36 -4.40
CA THR A 193 4.01 -11.53 -5.79
C THR A 193 4.87 -10.74 -6.76
N ARG A 194 5.05 -9.43 -6.53
CA ARG A 194 5.87 -8.65 -7.43
C ARG A 194 7.37 -8.75 -7.20
N GLY A 195 7.77 -9.00 -5.98
CA GLY A 195 9.19 -9.05 -5.63
C GLY A 195 9.75 -10.45 -5.85
N TYR A 196 8.90 -11.49 -5.64
CA TYR A 196 9.39 -12.83 -5.73
C TYR A 196 8.62 -13.76 -6.70
N GLY A 197 7.68 -13.13 -7.37
CA GLY A 197 6.87 -13.98 -8.27
C GLY A 197 7.06 -13.47 -9.69
N SER A 198 6.69 -12.21 -9.91
CA SER A 198 6.88 -11.65 -11.25
C SER A 198 8.21 -10.93 -11.44
N ALA A 199 8.82 -10.43 -10.37
CA ALA A 199 10.08 -9.72 -10.41
C ALA A 199 9.94 -8.31 -11.00
N LEU A 200 8.75 -7.80 -10.85
CA LEU A 200 8.51 -6.40 -11.24
C LEU A 200 9.06 -5.46 -10.15
N ASP A 201 9.16 -5.92 -8.90
CA ASP A 201 9.57 -5.09 -7.79
C ASP A 201 10.78 -5.69 -7.07
N ALA A 202 11.48 -4.88 -6.25
CA ALA A 202 12.59 -5.45 -5.50
C ALA A 202 12.07 -6.56 -4.58
N PRO A 203 12.87 -7.60 -4.34
CA PRO A 203 14.24 -7.69 -4.79
C PRO A 203 14.49 -8.16 -6.22
N GLY A 204 13.43 -8.57 -6.93
CA GLY A 204 13.60 -8.97 -8.31
C GLY A 204 13.93 -10.45 -8.50
N ARG A 205 13.34 -11.33 -7.72
CA ARG A 205 13.56 -12.76 -7.83
C ARG A 205 12.39 -13.45 -8.57
N CYS A 206 12.79 -14.54 -9.25
CA CYS A 206 11.73 -15.25 -9.99
C CYS A 206 12.29 -16.49 -10.68
N SER A 207 11.42 -17.28 -11.31
CA SER A 207 11.93 -18.46 -12.01
C SER A 207 12.61 -18.03 -13.30
N PRO A 208 13.63 -18.79 -13.71
CA PRO A 208 14.39 -18.46 -14.90
C PRO A 208 13.60 -18.17 -16.15
N THR A 209 12.55 -18.94 -16.45
CA THR A 209 11.82 -18.71 -17.69
C THR A 209 10.73 -17.67 -17.49
N VAL A 210 10.40 -17.26 -16.26
CA VAL A 210 9.49 -16.13 -16.10
C VAL A 210 10.19 -14.87 -16.56
N ASP A 211 11.40 -14.61 -16.09
CA ASP A 211 12.21 -13.47 -16.50
C ASP A 211 13.64 -13.85 -16.37
N PRO A 212 14.40 -14.04 -17.46
CA PRO A 212 15.77 -14.45 -17.42
C PRO A 212 16.72 -13.49 -16.71
N SER A 213 16.26 -12.27 -16.41
CA SER A 213 17.08 -11.29 -15.74
C SER A 213 17.02 -11.46 -14.21
N CYS A 214 16.13 -12.25 -13.68
CA CYS A 214 16.16 -12.46 -12.25
C CYS A 214 17.49 -13.11 -11.90
N TYR A 215 18.05 -12.67 -10.76
CA TYR A 215 19.33 -13.20 -10.33
C TYR A 215 19.17 -14.60 -9.71
N ALA A 216 17.97 -14.87 -9.24
CA ALA A 216 17.65 -16.17 -8.63
C ALA A 216 16.17 -16.22 -8.38
N GLY A 217 15.69 -17.29 -7.76
CA GLY A 217 14.30 -17.40 -7.35
C GLY A 217 13.50 -18.57 -7.90
N ASN A 218 12.27 -18.62 -7.49
CA ASN A 218 11.29 -19.61 -7.93
C ASN A 218 9.91 -18.97 -7.71
N SER A 219 9.25 -18.61 -8.83
CA SER A 219 7.99 -17.90 -8.79
C SER A 219 6.85 -18.75 -8.21
N SER A 220 7.00 -20.06 -8.25
CA SER A 220 5.95 -20.96 -7.76
C SER A 220 5.96 -21.16 -6.26
N THR A 221 7.15 -21.14 -5.64
CA THR A 221 7.27 -21.38 -4.22
C THR A 221 7.56 -20.20 -3.28
N GLU A 222 8.45 -19.32 -3.75
CA GLU A 222 8.97 -18.16 -3.03
C GLU A 222 7.94 -17.16 -2.60
N PRO A 223 6.92 -16.80 -3.39
CA PRO A 223 5.84 -15.95 -2.93
C PRO A 223 5.21 -16.46 -1.64
N TYR A 224 5.01 -17.78 -1.52
CA TYR A 224 4.41 -18.39 -0.34
C TYR A 224 5.35 -18.32 0.85
N ILE A 225 6.61 -18.57 0.62
CA ILE A 225 7.60 -18.50 1.74
C ILE A 225 7.66 -17.08 2.32
N VAL A 226 7.76 -16.14 1.36
CA VAL A 226 7.88 -14.71 1.78
C VAL A 226 6.64 -14.23 2.48
N ALA A 227 5.46 -14.61 1.94
CA ALA A 227 4.21 -14.22 2.54
C ALA A 227 4.15 -14.72 3.99
N HIS A 228 4.57 -15.98 4.17
CA HIS A 228 4.53 -16.62 5.49
C HIS A 228 5.44 -15.89 6.47
N HIS A 229 6.67 -15.60 6.04
CA HIS A 229 7.59 -14.91 6.95
C HIS A 229 7.11 -13.48 7.20
N GLN A 230 6.45 -12.85 6.19
CA GLN A 230 5.89 -11.54 6.45
C GLN A 230 4.86 -11.57 7.58
N LEU A 231 3.96 -12.57 7.58
CA LEU A 231 2.95 -12.71 8.61
C LEU A 231 3.63 -13.01 9.96
N LEU A 232 4.62 -13.90 9.94
CA LEU A 232 5.28 -14.16 11.24
C LEU A 232 5.97 -12.93 11.78
N ALA A 233 6.71 -12.19 10.95
CA ALA A 233 7.44 -10.99 11.38
C ALA A 233 6.48 -9.90 11.83
N HIS A 234 5.43 -9.67 11.08
CA HIS A 234 4.35 -8.78 11.48
C HIS A 234 3.78 -9.17 12.85
N ALA A 235 3.48 -10.46 13.06
CA ALA A 235 2.82 -10.86 14.32
C ALA A 235 3.74 -10.79 15.53
N LYS A 236 5.03 -10.97 15.28
CA LYS A 236 6.05 -10.86 16.29
C LYS A 236 6.18 -9.42 16.77
N VAL A 237 6.13 -8.53 15.77
CA VAL A 237 6.20 -7.09 16.12
C VAL A 237 4.95 -6.62 16.84
N VAL A 238 3.77 -7.08 16.43
CA VAL A 238 2.52 -6.72 17.07
C VAL A 238 2.56 -7.25 18.52
N ASP A 239 3.02 -8.48 18.73
CA ASP A 239 3.11 -9.04 20.08
C ASP A 239 4.05 -8.19 20.95
N LEU A 240 5.19 -7.82 20.39
CA LEU A 240 6.19 -6.97 21.05
C LEU A 240 5.53 -5.67 21.50
N TYR A 241 4.82 -5.02 20.53
CA TYR A 241 4.15 -3.76 20.80
C TYR A 241 3.14 -3.84 21.92
N ARG A 242 2.34 -4.90 21.88
CA ARG A 242 1.22 -5.04 22.82
C ARG A 242 1.70 -5.57 24.16
N LYS A 243 2.84 -6.24 24.24
CA LYS A 243 3.34 -6.70 25.52
C LYS A 243 4.28 -5.74 26.19
N ASN A 244 5.11 -5.03 25.43
CA ASN A 244 6.10 -4.12 25.96
C ASN A 244 5.87 -2.62 25.83
N TYR A 245 4.96 -2.20 24.98
CA TYR A 245 4.70 -0.79 24.77
C TYR A 245 3.27 -0.41 24.96
N THR A 246 2.50 -1.17 25.78
CA THR A 246 1.10 -0.90 26.03
C THR A 246 0.92 0.43 26.77
N HIS A 247 1.98 0.84 27.45
CA HIS A 247 1.94 2.11 28.19
C HIS A 247 1.88 3.31 27.27
N GLN A 248 2.26 3.17 26.01
CA GLN A 248 2.19 4.30 25.08
C GLN A 248 0.78 4.51 24.62
N GLY A 249 -0.21 3.64 24.82
CA GLY A 249 -1.57 4.00 24.45
C GLY A 249 -1.89 4.12 22.98
N GLY A 250 -1.13 3.41 22.17
CA GLY A 250 -1.30 3.42 20.71
C GLY A 250 -1.83 2.09 20.19
N LYS A 251 -1.95 2.05 18.87
CA LYS A 251 -2.54 0.92 18.18
C LYS A 251 -1.62 0.55 17.01
N ILE A 252 -1.67 -0.73 16.61
CA ILE A 252 -0.84 -1.19 15.52
C ILE A 252 -1.60 -2.11 14.58
N GLY A 253 -1.26 -2.14 13.29
CA GLY A 253 -1.91 -3.05 12.37
C GLY A 253 -1.12 -3.22 11.09
N PRO A 254 -1.49 -4.21 10.29
CA PRO A 254 -0.88 -4.41 8.99
C PRO A 254 -1.55 -3.47 7.97
N THR A 255 -0.92 -3.45 6.82
CA THR A 255 -1.56 -2.77 5.66
C THR A 255 -1.91 -3.86 4.64
N MET A 256 -3.14 -3.84 4.16
CA MET A 256 -3.50 -4.72 3.05
C MET A 256 -3.71 -3.85 1.79
N ILE A 257 -3.32 -4.40 0.66
CA ILE A 257 -3.80 -3.83 -0.61
C ILE A 257 -5.12 -4.58 -0.79
N THR A 258 -6.18 -3.85 -1.08
CA THR A 258 -7.49 -4.44 -1.30
C THR A 258 -7.93 -4.11 -2.74
N ARG A 259 -8.68 -5.01 -3.28
CA ARG A 259 -9.38 -4.86 -4.55
C ARG A 259 -10.75 -5.51 -4.33
N TRP A 260 -11.74 -5.09 -5.11
CA TRP A 260 -13.00 -5.86 -5.14
C TRP A 260 -12.90 -6.73 -6.40
N PHE A 261 -13.68 -7.81 -6.48
CA PHE A 261 -13.69 -8.66 -7.66
C PHE A 261 -15.12 -8.95 -8.05
N LEU A 262 -15.47 -8.86 -9.32
CA LEU A 262 -16.77 -9.19 -9.87
C LEU A 262 -16.58 -10.25 -10.96
N PRO A 263 -17.63 -11.03 -11.27
CA PRO A 263 -17.51 -12.04 -12.29
C PRO A 263 -17.47 -11.37 -13.68
N TYR A 264 -16.57 -11.87 -14.50
CA TYR A 264 -16.47 -11.52 -15.92
C TYR A 264 -17.79 -11.77 -16.62
N ASN A 265 -18.42 -12.89 -16.16
CA ASN A 265 -19.76 -13.21 -16.67
C ASN A 265 -20.62 -13.54 -15.48
N ASP A 266 -21.55 -12.68 -15.10
CA ASP A 266 -22.26 -12.92 -13.84
C ASP A 266 -23.41 -13.90 -13.89
N THR A 267 -23.56 -14.63 -14.99
CA THR A 267 -24.48 -15.75 -15.03
C THR A 267 -23.68 -17.00 -15.32
N ASP A 268 -22.36 -17.00 -15.36
CA ASP A 268 -21.56 -18.18 -15.65
C ASP A 268 -21.00 -18.68 -14.32
N ARG A 269 -21.37 -19.92 -13.91
CA ARG A 269 -20.86 -20.39 -12.62
C ARG A 269 -19.35 -20.46 -12.57
N HIS A 270 -18.64 -20.71 -13.68
CA HIS A 270 -17.20 -20.81 -13.68
C HIS A 270 -16.57 -19.44 -13.36
N SER A 271 -17.13 -18.38 -13.95
CA SER A 271 -16.60 -17.05 -13.63
C SER A 271 -16.91 -16.63 -12.20
N ILE A 272 -18.10 -16.96 -11.70
CA ILE A 272 -18.53 -16.69 -10.32
C ILE A 272 -17.59 -17.41 -9.38
N ALA A 273 -17.29 -18.68 -9.67
CA ALA A 273 -16.31 -19.40 -8.85
C ALA A 273 -14.93 -18.77 -8.86
N ALA A 274 -14.44 -18.30 -10.00
CA ALA A 274 -13.14 -17.64 -10.13
C ALA A 274 -13.11 -16.34 -9.31
N THR A 275 -14.23 -15.64 -9.23
CA THR A 275 -14.35 -14.41 -8.45
C THR A 275 -14.18 -14.67 -6.95
N GLU A 276 -14.83 -15.79 -6.53
CA GLU A 276 -14.73 -16.11 -5.08
C GLU A 276 -13.36 -16.65 -4.77
N ARG A 277 -12.74 -17.37 -5.69
CA ARG A 277 -11.37 -17.79 -5.51
C ARG A 277 -10.45 -16.56 -5.37
N MET A 278 -10.66 -15.56 -6.22
CA MET A 278 -9.83 -14.36 -6.15
C MET A 278 -9.89 -13.69 -4.76
N LYS A 279 -11.08 -13.63 -4.17
CA LYS A 279 -11.23 -13.01 -2.87
C LYS A 279 -10.36 -13.78 -1.87
N GLU A 280 -10.43 -15.09 -1.94
CA GLU A 280 -9.61 -15.87 -1.00
C GLU A 280 -8.14 -15.72 -1.26
N PHE A 281 -7.63 -15.81 -2.50
CA PHE A 281 -6.23 -15.81 -2.83
C PHE A 281 -5.55 -14.44 -2.73
N PHE A 282 -6.43 -13.41 -2.89
CA PHE A 282 -5.86 -12.06 -2.84
C PHE A 282 -6.02 -11.48 -1.42
N LEU A 283 -7.20 -11.58 -0.80
CA LEU A 283 -7.39 -11.03 0.52
C LEU A 283 -7.25 -12.12 1.60
N GLY A 284 -7.82 -13.29 1.31
CA GLY A 284 -7.77 -14.31 2.37
C GLY A 284 -6.40 -14.90 2.62
N TRP A 285 -5.48 -14.87 1.70
CA TRP A 285 -4.11 -15.30 1.88
C TRP A 285 -3.58 -14.72 3.20
N PHE A 286 -3.86 -13.44 3.46
CA PHE A 286 -3.39 -12.78 4.67
C PHE A 286 -4.47 -12.65 5.71
N MET A 287 -5.70 -12.34 5.34
CA MET A 287 -6.80 -12.13 6.28
C MET A 287 -7.22 -13.43 6.98
N GLY A 288 -7.07 -14.54 6.34
CA GLY A 288 -7.34 -15.88 6.97
C GLY A 288 -6.36 -16.04 8.13
N PRO A 289 -5.08 -15.95 7.89
CA PRO A 289 -4.11 -16.07 9.01
C PRO A 289 -4.38 -15.00 10.06
N LEU A 290 -4.62 -13.73 9.66
CA LEU A 290 -4.85 -12.66 10.62
C LEU A 290 -6.10 -12.78 11.48
N THR A 291 -7.13 -13.48 11.00
CA THR A 291 -8.36 -13.61 11.76
C THR A 291 -8.55 -15.02 12.35
N ASN A 292 -7.90 -15.98 11.76
CA ASN A 292 -8.07 -17.36 12.16
C ASN A 292 -6.84 -18.18 12.43
N GLY A 293 -5.66 -17.71 12.10
CA GLY A 293 -4.40 -18.34 12.22
C GLY A 293 -4.18 -19.44 11.19
N THR A 294 -4.93 -19.50 10.10
CA THR A 294 -4.77 -20.48 9.05
C THR A 294 -4.98 -19.86 7.64
N TYR A 295 -4.38 -20.47 6.65
CA TYR A 295 -4.66 -20.02 5.27
C TYR A 295 -6.05 -20.54 4.85
N PRO A 296 -6.70 -19.93 3.86
CA PRO A 296 -7.99 -20.36 3.39
C PRO A 296 -7.89 -21.80 2.90
N GLN A 297 -8.97 -22.55 3.08
CA GLN A 297 -9.00 -23.92 2.61
C GLN A 297 -8.77 -24.08 1.14
N ILE A 298 -9.24 -23.17 0.28
CA ILE A 298 -9.00 -23.30 -1.16
C ILE A 298 -7.53 -23.15 -1.44
N MET A 299 -6.78 -22.34 -0.64
CA MET A 299 -5.36 -22.23 -0.85
C MET A 299 -4.67 -23.50 -0.38
N ILE A 300 -5.10 -24.02 0.79
CA ILE A 300 -4.51 -25.27 1.28
C ILE A 300 -4.65 -26.39 0.24
N ASP A 301 -5.81 -26.50 -0.38
CA ASP A 301 -6.14 -27.52 -1.34
C ASP A 301 -5.35 -27.36 -2.63
N THR A 302 -5.34 -26.11 -3.15
CA THR A 302 -4.67 -25.91 -4.44
C THR A 302 -3.16 -25.87 -4.41
N VAL A 303 -2.61 -25.17 -3.40
CA VAL A 303 -1.19 -24.92 -3.31
C VAL A 303 -0.43 -26.10 -2.71
N GLY A 304 -1.18 -26.90 -1.97
CA GLY A 304 -0.61 -28.17 -1.46
C GLY A 304 0.72 -27.98 -0.75
N GLU A 305 1.74 -28.74 -1.14
CA GLU A 305 3.02 -28.78 -0.44
C GLU A 305 3.79 -27.46 -0.53
N ARG A 306 3.42 -26.63 -1.51
CA ARG A 306 4.04 -25.30 -1.60
C ARG A 306 3.51 -24.31 -0.56
N LEU A 307 2.48 -24.61 0.23
CA LEU A 307 2.01 -23.64 1.23
C LEU A 307 2.59 -24.04 2.58
N PRO A 308 3.35 -23.20 3.24
CA PRO A 308 3.85 -23.47 4.58
C PRO A 308 2.75 -23.61 5.61
N SER A 309 2.97 -24.31 6.70
CA SER A 309 2.02 -24.46 7.76
C SER A 309 2.49 -23.63 8.96
N PHE A 310 1.56 -23.12 9.74
CA PHE A 310 1.86 -22.48 10.99
C PHE A 310 1.88 -23.59 12.09
N SER A 311 2.82 -23.47 12.98
CA SER A 311 2.79 -24.38 14.14
C SER A 311 1.66 -23.82 15.01
N PRO A 312 1.19 -24.53 16.03
CA PRO A 312 0.18 -24.04 16.92
C PRO A 312 0.62 -22.74 17.55
N GLU A 313 1.88 -22.61 17.94
CA GLU A 313 2.37 -21.38 18.54
C GLU A 313 2.32 -20.20 17.54
N GLU A 314 2.73 -20.48 16.31
CA GLU A 314 2.71 -19.42 15.29
C GLU A 314 1.29 -19.02 14.94
N SER A 315 0.38 -20.00 14.82
CA SER A 315 -1.02 -19.73 14.54
C SER A 315 -1.62 -18.80 15.58
N ASN A 316 -1.30 -19.04 16.85
CA ASN A 316 -1.78 -18.22 17.94
C ASN A 316 -1.17 -16.82 17.92
N LEU A 317 0.08 -16.74 17.54
CA LEU A 317 0.74 -15.43 17.46
C LEU A 317 0.11 -14.57 16.34
N VAL A 318 -0.12 -15.19 15.20
CA VAL A 318 -0.64 -14.46 14.03
C VAL A 318 -2.12 -14.16 14.10
N LYS A 319 -2.95 -15.08 14.62
CA LYS A 319 -4.36 -14.84 14.77
C LYS A 319 -4.66 -13.66 15.70
N GLY A 320 -5.37 -12.66 15.23
CA GLY A 320 -5.78 -11.51 16.02
C GLY A 320 -4.66 -10.50 16.16
N SER A 321 -3.60 -10.60 15.34
CA SER A 321 -2.47 -9.70 15.45
C SER A 321 -2.72 -8.32 14.80
N TYR A 322 -3.70 -7.62 15.32
CA TYR A 322 -3.98 -6.26 14.79
C TYR A 322 -4.95 -5.64 15.80
N ASP A 323 -4.78 -4.31 15.90
CA ASP A 323 -5.69 -3.45 16.62
C ASP A 323 -6.67 -2.84 15.61
N PHE A 324 -6.17 -2.63 14.40
CA PHE A 324 -6.90 -2.05 13.26
C PHE A 324 -6.28 -2.58 11.97
N LEU A 325 -6.90 -2.31 10.83
CA LEU A 325 -6.37 -2.68 9.54
C LEU A 325 -6.18 -1.37 8.75
N GLY A 326 -5.01 -1.25 8.18
CA GLY A 326 -4.80 -0.18 7.18
C GLY A 326 -5.23 -0.76 5.84
N LEU A 327 -6.29 -0.26 5.20
CA LEU A 327 -6.71 -0.81 3.91
C LEU A 327 -6.36 0.22 2.81
N ASN A 328 -5.56 -0.26 1.90
CA ASN A 328 -5.32 0.55 0.68
C ASN A 328 -6.30 0.06 -0.36
N TYR A 329 -6.84 0.94 -1.18
CA TYR A 329 -7.79 0.62 -2.21
C TYR A 329 -7.57 1.49 -3.46
N TYR A 330 -7.51 0.83 -4.62
CA TYR A 330 -7.45 1.62 -5.86
C TYR A 330 -8.49 1.18 -6.88
N PHE A 331 -8.68 -0.11 -7.08
CA PHE A 331 -9.56 -0.56 -8.15
C PHE A 331 -10.09 -2.00 -7.98
N THR A 332 -10.97 -2.35 -8.89
CA THR A 332 -11.71 -3.62 -8.91
C THR A 332 -11.54 -4.34 -10.24
N GLN A 333 -11.46 -5.69 -10.19
CA GLN A 333 -11.31 -6.43 -11.46
C GLN A 333 -12.41 -7.44 -11.67
N TYR A 334 -12.69 -7.77 -12.93
CA TYR A 334 -13.55 -8.86 -13.30
C TYR A 334 -12.63 -10.08 -13.32
N ALA A 335 -13.25 -11.23 -12.94
CA ALA A 335 -12.49 -12.48 -12.90
C ALA A 335 -13.16 -13.58 -13.71
N GLN A 336 -12.37 -14.32 -14.49
CA GLN A 336 -12.88 -15.47 -15.27
C GLN A 336 -11.91 -16.62 -15.01
N PRO A 337 -12.31 -17.86 -15.28
CA PRO A 337 -11.44 -19.00 -15.08
C PRO A 337 -10.20 -18.97 -15.95
N SER A 338 -9.12 -19.52 -15.41
CA SER A 338 -7.88 -19.67 -16.17
C SER A 338 -7.20 -20.92 -15.65
N PRO A 339 -6.51 -21.67 -16.49
CA PRO A 339 -5.78 -22.85 -16.10
C PRO A 339 -4.68 -22.53 -15.09
N ASN A 340 -4.29 -23.53 -14.31
CA ASN A 340 -3.19 -23.43 -13.37
C ASN A 340 -2.16 -24.49 -13.70
N PRO A 341 -1.23 -24.20 -14.56
CA PRO A 341 -0.23 -25.18 -14.97
C PRO A 341 0.93 -25.31 -14.03
N VAL A 342 0.76 -25.96 -12.90
CA VAL A 342 1.74 -26.12 -11.84
C VAL A 342 3.03 -26.80 -12.27
N ASN A 343 3.02 -27.61 -13.34
CA ASN A 343 4.23 -28.28 -13.77
C ASN A 343 5.00 -27.47 -14.80
N SER A 344 4.48 -26.40 -15.33
CA SER A 344 5.16 -25.56 -16.29
C SER A 344 6.38 -24.89 -15.60
N THR A 345 7.43 -24.65 -16.40
CA THR A 345 8.59 -24.03 -15.74
C THR A 345 8.28 -22.57 -15.48
N ASN A 346 7.30 -21.98 -16.17
CA ASN A 346 7.01 -20.58 -15.86
C ASN A 346 5.82 -20.42 -14.94
N HIS A 347 5.48 -21.46 -14.20
CA HIS A 347 4.40 -21.35 -13.23
C HIS A 347 4.74 -20.26 -12.19
N THR A 348 3.70 -19.50 -11.86
CA THR A 348 3.80 -18.51 -10.79
C THR A 348 2.74 -18.76 -9.73
N ALA A 349 3.03 -18.39 -8.47
CA ALA A 349 2.06 -18.43 -7.40
C ALA A 349 0.75 -17.75 -7.77
N MET A 350 0.78 -16.66 -8.55
CA MET A 350 -0.39 -15.93 -8.97
C MET A 350 -1.32 -16.74 -9.88
N MET A 351 -0.82 -17.79 -10.51
CA MET A 351 -1.71 -18.63 -11.36
C MET A 351 -2.53 -19.60 -10.53
N ASP A 352 -2.10 -19.84 -9.26
CA ASP A 352 -2.81 -20.74 -8.37
C ASP A 352 -4.26 -20.42 -8.15
N ALA A 353 -4.67 -19.15 -8.16
CA ALA A 353 -6.04 -18.74 -8.02
C ALA A 353 -6.89 -19.20 -9.19
N GLY A 354 -6.35 -19.57 -10.33
CA GLY A 354 -7.11 -20.11 -11.47
C GLY A 354 -8.03 -19.03 -12.05
N ALA A 355 -7.52 -17.79 -12.09
CA ALA A 355 -8.36 -16.71 -12.56
C ALA A 355 -7.61 -15.75 -13.48
N LYS A 356 -8.31 -15.24 -14.48
CA LYS A 356 -7.73 -14.21 -15.36
C LYS A 356 -8.56 -12.94 -15.07
N LEU A 357 -7.87 -11.84 -14.87
CA LEU A 357 -8.40 -10.58 -14.45
C LEU A 357 -8.43 -9.54 -15.58
N THR A 358 -9.57 -8.93 -15.70
CA THR A 358 -9.80 -7.89 -16.70
C THR A 358 -10.56 -6.71 -16.14
N TYR A 359 -10.71 -5.65 -16.98
CA TYR A 359 -11.43 -4.44 -16.61
C TYR A 359 -12.68 -4.30 -17.48
N ILE A 360 -12.86 -5.27 -18.39
CA ILE A 360 -13.95 -5.39 -19.33
C ILE A 360 -14.64 -6.77 -19.15
N ASN A 361 -15.97 -6.73 -19.04
CA ASN A 361 -16.65 -8.02 -18.79
C ASN A 361 -17.03 -8.65 -20.11
N ALA A 362 -17.73 -9.79 -20.05
CA ALA A 362 -17.93 -10.64 -21.23
C ALA A 362 -18.83 -9.99 -22.27
N SER A 363 -19.63 -9.05 -21.86
CA SER A 363 -20.49 -8.30 -22.77
C SER A 363 -19.82 -7.00 -23.23
N GLY A 364 -18.57 -6.78 -22.90
CA GLY A 364 -17.93 -5.56 -23.42
C GLY A 364 -18.08 -4.34 -22.56
N HIS A 365 -18.58 -4.46 -21.32
CA HIS A 365 -18.69 -3.32 -20.44
C HIS A 365 -17.39 -3.04 -19.71
N TYR A 366 -16.86 -1.81 -19.80
CA TYR A 366 -15.69 -1.40 -19.07
C TYR A 366 -16.24 -1.02 -17.68
N ILE A 367 -15.58 -1.50 -16.62
CA ILE A 367 -16.07 -1.33 -15.25
C ILE A 367 -16.27 0.07 -14.78
N GLY A 368 -15.56 1.06 -15.32
CA GLY A 368 -15.70 2.44 -14.87
C GLY A 368 -14.74 3.33 -15.66
N PRO A 369 -14.52 4.55 -15.17
CA PRO A 369 -13.62 5.51 -15.79
C PRO A 369 -12.19 5.04 -15.73
N LEU A 370 -11.39 5.59 -16.69
CA LEU A 370 -9.99 5.34 -16.87
C LEU A 370 -9.20 5.64 -15.59
N PHE A 371 -8.38 4.72 -15.16
CA PHE A 371 -7.52 4.84 -14.00
C PHE A 371 -6.06 5.03 -14.41
N GLU A 372 -5.56 4.25 -15.35
CA GLU A 372 -4.17 4.34 -15.80
C GLU A 372 -4.13 3.88 -17.27
N LYS A 373 -3.58 4.76 -18.06
CA LYS A 373 -3.36 4.39 -19.47
C LYS A 373 -2.02 3.71 -19.63
N ASP A 374 -1.96 2.63 -20.39
CA ASP A 374 -0.76 1.85 -20.68
C ASP A 374 -0.43 2.12 -22.15
N LYS A 375 0.54 2.96 -22.45
CA LYS A 375 0.96 3.29 -23.81
C LYS A 375 1.57 2.17 -24.63
N ALA A 376 2.25 1.20 -24.05
CA ALA A 376 2.79 0.07 -24.81
C ALA A 376 1.66 -0.80 -25.34
N ASP A 377 0.71 -1.10 -24.45
CA ASP A 377 -0.46 -1.90 -24.80
C ASP A 377 -1.73 -1.33 -24.15
N SER A 378 -2.57 -0.67 -24.95
CA SER A 378 -3.81 -0.05 -24.55
C SER A 378 -4.88 -1.03 -24.06
N THR A 379 -4.77 -2.29 -24.49
CA THR A 379 -5.69 -3.32 -23.99
C THR A 379 -5.36 -3.61 -22.53
N ASP A 380 -4.24 -3.13 -22.01
CA ASP A 380 -3.76 -3.24 -20.65
C ASP A 380 -4.10 -1.97 -19.84
N ASN A 381 -4.95 -1.09 -20.32
CA ASN A 381 -5.33 0.08 -19.51
C ASN A 381 -6.10 -0.37 -18.24
N ILE A 382 -5.94 0.35 -17.14
CA ILE A 382 -6.67 0.02 -15.89
C ILE A 382 -7.79 1.02 -15.72
N TYR A 383 -8.94 0.49 -15.28
CA TYR A 383 -10.13 1.29 -15.08
C TYR A 383 -10.61 1.19 -13.62
N TYR A 384 -11.14 2.27 -13.09
CA TYR A 384 -11.59 2.26 -11.71
C TYR A 384 -13.07 2.05 -11.50
N TYR A 385 -13.54 1.92 -10.23
CA TYR A 385 -14.88 1.51 -9.90
C TYR A 385 -15.21 1.97 -8.51
N PRO A 386 -15.71 3.19 -8.39
CA PRO A 386 -15.97 3.80 -7.09
C PRO A 386 -16.72 2.93 -6.14
N LYS A 387 -17.70 2.17 -6.54
CA LYS A 387 -18.47 1.29 -5.65
C LYS A 387 -17.59 0.18 -5.06
N GLY A 388 -16.42 -0.09 -5.62
CA GLY A 388 -15.53 -1.15 -5.07
C GLY A 388 -15.16 -0.76 -3.64
N ILE A 389 -14.99 0.54 -3.32
CA ILE A 389 -14.59 0.81 -1.91
C ILE A 389 -15.69 0.45 -0.95
N TYR A 390 -16.92 0.64 -1.35
CA TYR A 390 -18.10 0.24 -0.56
C TYR A 390 -18.10 -1.27 -0.40
N SER A 391 -17.96 -1.99 -1.52
CA SER A 391 -17.97 -3.45 -1.50
C SER A 391 -16.81 -3.99 -0.65
N VAL A 392 -15.62 -3.40 -0.72
CA VAL A 392 -14.51 -3.90 0.09
C VAL A 392 -14.80 -3.71 1.57
N MET A 393 -15.19 -2.50 1.93
CA MET A 393 -15.42 -2.21 3.35
C MET A 393 -16.50 -3.13 3.94
N ASP A 394 -17.57 -3.32 3.20
CA ASP A 394 -18.68 -4.19 3.63
C ASP A 394 -18.23 -5.63 3.81
N TYR A 395 -17.40 -6.12 2.87
CA TYR A 395 -16.85 -7.44 2.93
C TYR A 395 -15.94 -7.55 4.16
N PHE A 396 -15.07 -6.60 4.40
CA PHE A 396 -14.19 -6.74 5.59
C PHE A 396 -15.03 -6.77 6.88
N LYS A 397 -16.04 -5.93 6.99
CA LYS A 397 -16.89 -5.98 8.22
C LYS A 397 -17.54 -7.35 8.36
N ASN A 398 -18.12 -7.86 7.29
CA ASN A 398 -18.88 -9.10 7.31
C ASN A 398 -18.09 -10.38 7.36
N LYS A 399 -16.99 -10.42 6.63
CA LYS A 399 -16.20 -11.65 6.57
C LYS A 399 -15.13 -11.71 7.65
N TYR A 400 -14.65 -10.49 8.03
CA TYR A 400 -13.50 -10.42 8.90
C TYR A 400 -13.70 -9.72 10.22
N TYR A 401 -14.83 -10.01 10.83
CA TYR A 401 -15.10 -9.71 12.24
C TYR A 401 -15.09 -8.25 12.59
N ASN A 402 -15.72 -7.44 11.71
CA ASN A 402 -15.94 -6.04 12.05
C ASN A 402 -14.75 -5.31 12.61
N PRO A 403 -13.69 -5.17 11.80
CA PRO A 403 -12.47 -4.53 12.24
C PRO A 403 -12.55 -3.02 12.25
N LEU A 404 -11.67 -2.45 13.07
CA LEU A 404 -11.48 -0.99 12.98
C LEU A 404 -10.61 -0.80 11.72
N ILE A 405 -10.98 0.11 10.86
CA ILE A 405 -10.25 0.34 9.63
C ILE A 405 -9.85 1.80 9.38
N TYR A 406 -8.65 1.96 8.84
CA TYR A 406 -8.26 3.29 8.38
C TYR A 406 -7.96 3.09 6.89
N VAL A 407 -8.46 3.96 6.01
CA VAL A 407 -8.11 3.86 4.58
C VAL A 407 -6.72 4.50 4.48
N THR A 408 -5.67 3.75 4.26
CA THR A 408 -4.29 4.20 4.31
C THR A 408 -3.75 4.61 2.96
N GLU A 409 -4.48 4.36 1.86
CA GLU A 409 -4.00 4.84 0.56
CA GLU A 409 -4.03 4.94 0.60
C GLU A 409 -5.23 4.82 -0.36
N ASN A 410 -5.37 5.83 -1.22
CA ASN A 410 -6.46 5.86 -2.20
C ASN A 410 -6.08 7.01 -3.16
N GLY A 411 -5.91 6.81 -4.47
CA GLY A 411 -5.53 8.01 -5.28
C GLY A 411 -5.38 7.54 -6.74
N ILE A 412 -4.93 8.42 -7.63
CA ILE A 412 -4.86 8.08 -9.05
C ILE A 412 -3.69 8.85 -9.66
N SER A 413 -3.12 8.28 -10.70
CA SER A 413 -1.99 8.97 -11.35
C SER A 413 -2.47 9.82 -12.54
N THR A 414 -1.62 10.75 -12.89
CA THR A 414 -1.79 11.50 -14.16
C THR A 414 -0.42 11.37 -14.83
N PRO A 415 -0.38 11.46 -16.18
CA PRO A 415 0.86 11.22 -16.90
C PRO A 415 1.97 12.15 -16.59
N GLY A 416 3.21 11.64 -16.55
CA GLY A 416 4.35 12.55 -16.34
C GLY A 416 4.56 13.35 -17.65
N ASP A 417 4.07 12.96 -18.82
CA ASP A 417 4.28 13.75 -20.02
C ASP A 417 3.51 15.07 -20.02
N GLU A 418 2.52 15.25 -19.14
CA GLU A 418 1.78 16.51 -19.10
C GLU A 418 2.75 17.61 -18.64
N ASN A 419 2.47 18.83 -19.05
CA ASN A 419 3.29 19.97 -18.63
C ASN A 419 2.75 20.50 -17.30
N ARG A 420 3.47 21.45 -16.70
CA ARG A 420 3.05 21.98 -15.42
C ARG A 420 1.58 22.37 -15.38
N ASN A 421 1.17 23.27 -16.32
CA ASN A 421 -0.23 23.68 -16.27
C ASN A 421 -1.25 22.57 -16.29
N GLN A 422 -1.06 21.62 -17.20
CA GLN A 422 -1.93 20.47 -17.34
C GLN A 422 -1.83 19.65 -16.05
N SER A 423 -0.61 19.52 -15.54
CA SER A 423 -0.44 18.73 -14.31
C SER A 423 -1.19 19.31 -13.13
N MET A 424 -1.18 20.63 -13.00
CA MET A 424 -1.88 21.35 -11.95
C MET A 424 -3.40 21.24 -12.09
N LEU A 425 -3.90 21.16 -13.33
CA LEU A 425 -5.35 21.09 -13.52
C LEU A 425 -5.81 19.65 -13.52
N ASP A 426 -5.66 19.01 -12.36
CA ASP A 426 -5.88 17.55 -12.24
C ASP A 426 -7.25 17.20 -11.81
N TYR A 427 -8.26 17.59 -12.64
CA TYR A 427 -9.66 17.35 -12.38
C TYR A 427 -10.01 15.86 -12.33
N THR A 428 -9.23 15.06 -13.07
CA THR A 428 -9.47 13.60 -13.03
C THR A 428 -9.17 13.10 -11.57
N ARG A 429 -8.25 13.78 -10.94
CA ARG A 429 -7.92 13.37 -9.55
C ARG A 429 -8.98 13.78 -8.57
N ILE A 430 -9.63 14.98 -8.69
CA ILE A 430 -10.75 15.34 -7.87
C ILE A 430 -11.88 14.33 -8.09
N ASP A 431 -12.12 13.93 -9.37
CA ASP A 431 -13.26 13.02 -9.64
C ASP A 431 -13.01 11.66 -8.98
N TYR A 432 -11.77 11.21 -9.06
CA TYR A 432 -11.45 9.89 -8.45
C TYR A 432 -11.63 10.00 -6.94
N LEU A 433 -10.98 10.99 -6.32
CA LEU A 433 -11.04 11.08 -4.88
C LEU A 433 -12.43 11.30 -4.35
N CYS A 434 -13.20 12.22 -4.94
CA CYS A 434 -14.53 12.48 -4.43
C CYS A 434 -15.45 11.27 -4.63
N SER A 435 -15.35 10.57 -5.75
CA SER A 435 -16.29 9.47 -6.03
C SER A 435 -16.09 8.36 -5.01
N HIS A 436 -14.83 8.16 -4.64
CA HIS A 436 -14.51 7.11 -3.62
C HIS A 436 -14.92 7.59 -2.24
N LEU A 437 -14.71 8.87 -1.91
CA LEU A 437 -15.14 9.43 -0.62
C LEU A 437 -16.64 9.37 -0.47
N CYS A 438 -17.40 9.60 -1.54
CA CYS A 438 -18.85 9.44 -1.48
C CYS A 438 -19.21 8.03 -1.08
N PHE A 439 -18.64 7.02 -1.73
CA PHE A 439 -18.99 5.62 -1.41
C PHE A 439 -18.53 5.27 -0.01
N LEU A 440 -17.40 5.85 0.41
CA LEU A 440 -16.92 5.52 1.76
C LEU A 440 -17.91 6.01 2.78
N ASN A 441 -18.37 7.25 2.62
CA ASN A 441 -19.39 7.80 3.54
C ASN A 441 -20.62 6.92 3.49
N LYS A 442 -21.04 6.49 2.29
CA LYS A 442 -22.22 5.67 2.09
C LYS A 442 -22.10 4.34 2.82
N VAL A 443 -20.92 3.72 2.75
CA VAL A 443 -20.76 2.41 3.39
C VAL A 443 -20.68 2.54 4.91
N ILE A 444 -20.13 3.64 5.40
CA ILE A 444 -20.07 3.84 6.86
C ILE A 444 -21.50 3.99 7.36
N LYS A 445 -22.30 4.80 6.65
CA LYS A 445 -23.69 5.01 7.08
C LYS A 445 -24.60 3.82 6.88
N GLU A 446 -24.50 3.13 5.77
CA GLU A 446 -25.39 2.03 5.45
C GLU A 446 -25.02 0.72 6.09
N LYS A 447 -23.72 0.47 6.19
CA LYS A 447 -23.33 -0.86 6.67
C LYS A 447 -22.65 -0.74 8.04
N ASP A 448 -22.45 0.45 8.54
CA ASP A 448 -21.85 0.65 9.84
C ASP A 448 -20.44 0.08 9.95
N VAL A 449 -19.66 0.19 8.87
CA VAL A 449 -18.29 -0.27 8.86
C VAL A 449 -17.50 0.68 9.74
N ASN A 450 -16.63 0.12 10.62
CA ASN A 450 -15.88 0.97 11.52
C ASN A 450 -14.62 1.54 10.89
N VAL A 451 -14.80 2.49 9.95
CA VAL A 451 -13.76 3.24 9.26
C VAL A 451 -13.62 4.57 9.99
N LYS A 452 -12.44 4.98 10.43
CA LYS A 452 -12.18 6.16 11.24
C LYS A 452 -11.22 7.15 10.62
N GLY A 453 -10.71 6.86 9.41
CA GLY A 453 -9.87 7.82 8.72
C GLY A 453 -9.63 7.38 7.27
N TYR A 454 -9.09 8.38 6.54
CA TYR A 454 -8.80 8.32 5.13
C TYR A 454 -7.60 9.20 4.80
N LEU A 455 -6.64 8.54 4.19
CA LEU A 455 -5.38 9.14 3.78
C LEU A 455 -5.17 8.91 2.29
N ALA A 456 -5.29 10.01 1.55
CA ALA A 456 -5.13 9.89 0.11
C ALA A 456 -3.65 9.77 -0.28
N TRP A 457 -3.54 8.99 -1.37
CA TRP A 457 -2.23 8.76 -1.95
C TRP A 457 -2.09 9.99 -2.92
N ALA A 458 -0.99 10.59 -3.32
CA ALA A 458 0.03 11.06 -2.41
C ALA A 458 0.07 12.51 -1.94
N LEU A 459 0.81 12.84 -0.86
CA LEU A 459 0.99 14.22 -0.40
C LEU A 459 1.50 15.03 -1.59
N GLY A 460 2.49 14.58 -2.26
CA GLY A 460 3.11 15.29 -3.40
C GLY A 460 3.60 14.28 -4.43
N ASP A 461 4.05 14.79 -5.59
CA ASP A 461 4.63 13.99 -6.63
C ASP A 461 5.89 13.36 -6.05
N ASN A 462 6.14 12.12 -6.47
CA ASN A 462 7.30 11.40 -5.89
C ASN A 462 7.87 10.41 -6.90
N TYR A 463 8.80 9.55 -6.44
CA TYR A 463 9.26 8.47 -7.32
C TYR A 463 8.17 7.40 -7.19
N GLU A 464 7.59 6.88 -8.24
CA GLU A 464 6.60 5.80 -8.24
C GLU A 464 7.24 4.49 -8.56
N PHE A 465 7.10 3.51 -7.66
CA PHE A 465 7.64 2.18 -7.82
C PHE A 465 7.30 1.69 -9.23
N ASN A 466 8.25 1.12 -9.95
CA ASN A 466 8.05 0.59 -11.28
C ASN A 466 7.85 1.65 -12.36
N LYS A 467 7.55 2.89 -12.08
CA LYS A 467 7.22 3.86 -13.10
C LYS A 467 8.11 5.08 -13.14
N GLY A 468 9.05 5.19 -12.20
CA GLY A 468 9.92 6.36 -12.15
C GLY A 468 9.18 7.64 -11.88
N PHE A 469 9.39 8.67 -12.74
CA PHE A 469 8.78 9.95 -12.64
C PHE A 469 7.84 10.14 -13.85
N THR A 470 7.44 9.04 -14.44
CA THR A 470 6.58 9.03 -15.63
C THR A 470 5.09 9.16 -15.32
N VAL A 471 4.72 9.02 -14.07
CA VAL A 471 3.37 9.28 -13.61
C VAL A 471 3.48 10.17 -12.36
N ARG A 472 2.41 10.92 -12.09
CA ARG A 472 2.38 11.74 -10.89
C ARG A 472 1.18 11.33 -10.06
N PHE A 473 1.29 11.19 -8.74
CA PHE A 473 0.17 10.88 -7.90
C PHE A 473 -0.14 11.96 -6.89
N GLY A 474 0.69 13.01 -6.85
CA GLY A 474 0.49 13.99 -5.80
C GLY A 474 -0.72 14.86 -5.81
N LEU A 475 -1.18 15.36 -4.66
CA LEU A 475 -2.19 16.38 -4.52
C LEU A 475 -1.51 17.75 -4.59
N SER A 476 -0.20 17.74 -4.47
CA SER A 476 0.70 18.88 -4.57
C SER A 476 1.80 18.55 -5.59
N TYR A 477 2.01 19.55 -6.47
CA TYR A 477 2.98 19.44 -7.56
C TYR A 477 4.39 19.74 -7.17
N ILE A 478 5.29 18.96 -7.70
CA ILE A 478 6.74 19.13 -7.49
C ILE A 478 7.41 19.26 -8.86
N ASP A 479 8.22 20.31 -9.01
CA ASP A 479 8.95 20.47 -10.27
C ASP A 479 10.27 19.70 -10.14
N TRP A 480 10.53 18.74 -11.02
CA TRP A 480 11.74 17.94 -10.96
C TRP A 480 13.03 18.71 -11.27
N ASN A 481 12.91 19.93 -11.78
CA ASN A 481 14.13 20.72 -12.00
C ASN A 481 14.40 21.58 -10.80
N ASN A 482 13.45 21.66 -9.88
CA ASN A 482 13.68 22.36 -8.62
C ASN A 482 12.66 22.00 -7.56
N VAL A 483 12.94 20.88 -6.87
CA VAL A 483 12.02 20.25 -5.95
C VAL A 483 11.64 20.90 -4.64
N THR A 484 12.15 22.09 -4.32
CA THR A 484 11.85 22.62 -2.98
C THR A 484 10.35 22.76 -2.74
N ASP A 485 9.64 23.45 -3.64
CA ASP A 485 8.24 23.69 -3.37
C ASP A 485 7.35 22.49 -3.70
N ARG A 486 6.23 22.51 -2.97
CA ARG A 486 5.13 21.59 -3.13
C ARG A 486 3.92 22.52 -3.30
N ASP A 487 3.36 22.61 -4.46
CA ASP A 487 2.25 23.54 -4.67
C ASP A 487 0.96 22.77 -4.86
N LEU A 488 -0.05 23.14 -4.08
CA LEU A 488 -1.34 22.47 -4.22
C LEU A 488 -1.86 22.51 -5.62
N LYS A 489 -2.22 21.39 -6.18
CA LYS A 489 -2.86 21.22 -7.47
C LYS A 489 -4.31 21.63 -7.27
N LYS A 490 -5.14 21.54 -8.28
CA LYS A 490 -6.56 21.75 -8.22
C LYS A 490 -7.13 20.71 -7.22
N SER A 491 -6.59 19.48 -7.27
CA SER A 491 -7.03 18.46 -6.35
C SER A 491 -6.72 18.84 -4.89
N GLY A 492 -5.51 19.28 -4.61
CA GLY A 492 -5.14 19.69 -3.26
C GLY A 492 -6.01 20.84 -2.76
N GLN A 493 -6.29 21.81 -3.71
CA GLN A 493 -7.18 22.90 -3.33
C GLN A 493 -8.60 22.47 -3.05
N TRP A 494 -9.13 21.55 -3.83
CA TRP A 494 -10.43 20.96 -3.64
C TRP A 494 -10.37 20.23 -2.28
N TYR A 495 -9.37 19.41 -2.01
CA TYR A 495 -9.33 18.64 -0.75
C TYR A 495 -9.28 19.58 0.44
N GLN A 496 -8.60 20.70 0.32
CA GLN A 496 -8.55 21.75 1.35
C GLN A 496 -9.96 22.23 1.68
N SER A 497 -10.77 22.43 0.64
CA SER A 497 -12.14 22.90 0.90
C SER A 497 -13.03 21.78 1.35
N PHE A 498 -12.79 20.53 0.90
CA PHE A 498 -13.53 19.39 1.42
C PHE A 498 -13.28 19.28 2.94
N ILE A 499 -12.04 19.44 3.36
CA ILE A 499 -11.71 19.31 4.79
C ILE A 499 -12.28 20.45 5.66
N SER A 500 -12.20 21.67 5.16
CA SER A 500 -12.70 22.85 5.88
C SER A 500 -13.64 23.66 4.95
N PRO A 501 -14.88 23.06 4.92
CA PRO A 501 -15.82 23.66 3.95
C PRO A 501 -16.30 25.08 4.26
C1 NAG B . 10.22 -24.67 -7.74
C2 NAG B . 10.88 -25.33 -8.94
C3 NAG B . 9.95 -26.58 -9.10
C4 NAG B . 10.02 -27.35 -7.82
C5 NAG B . 9.63 -26.51 -6.59
C6 NAG B . 9.82 -27.26 -5.28
C7 NAG B . 11.87 -23.84 -10.49
C8 NAG B . 11.45 -23.11 -11.79
N2 NAG B . 10.76 -24.40 -10.02
O3 NAG B . 10.51 -27.31 -10.17
O4 NAG B . 8.93 -28.33 -7.91
O5 NAG B . 10.52 -25.32 -6.52
O6 NAG B . 11.23 -27.25 -4.91
O7 NAG B . 12.99 -24.01 -10.20
C1 NAG B . 9.46 -29.53 -7.53
C2 NAG B . 8.31 -30.48 -7.20
C3 NAG B . 8.74 -31.89 -7.24
C4 NAG B . 9.79 -32.11 -8.33
C5 NAG B . 10.94 -31.08 -8.27
C6 NAG B . 11.86 -31.34 -9.47
C7 NAG B . 6.52 -29.64 -5.77
C8 NAG B . 6.26 -29.14 -4.33
N2 NAG B . 7.72 -30.21 -5.90
O3 NAG B . 7.56 -32.60 -7.64
O4 NAG B . 10.35 -33.38 -8.19
O5 NAG B . 10.26 -29.86 -8.66
O6 NAG B . 10.94 -31.74 -10.50
O7 NAG B . 5.87 -29.14 -6.73
C1 NAG C . -22.47 -15.87 -20.22
C2 NAG C . -22.29 -15.70 -21.74
C3 NAG C . -23.58 -16.44 -22.28
C4 NAG C . -23.37 -17.85 -21.74
C5 NAG C . -23.40 -17.95 -20.20
C6 NAG C . -23.29 -19.34 -19.54
C7 NAG C . -21.41 -13.72 -22.65
C8 NAG C . -21.93 -12.31 -22.98
N2 NAG C . -22.44 -14.26 -21.96
O3 NAG C . -23.37 -16.46 -23.71
O4 NAG C . -24.49 -18.60 -22.23
O5 NAG C . -22.17 -17.23 -19.81
O6 NAG C . -22.15 -20.00 -20.07
O7 NAG C . -20.35 -14.18 -23.03
C1 NAG C . -24.13 -19.82 -22.73
C2 NAG C . -25.48 -20.55 -22.94
C3 NAG C . -25.25 -21.82 -23.67
C4 NAG C . -24.43 -21.55 -24.91
C5 NAG C . -23.13 -20.77 -24.64
C6 NAG C . -22.46 -20.26 -25.92
C7 NAG C . -27.25 -20.52 -21.26
C8 NAG C . -27.45 -20.57 -19.74
N2 NAG C . -26.02 -20.89 -21.64
O3 NAG C . -26.56 -22.31 -24.01
O4 NAG C . -24.06 -22.82 -25.42
O5 NAG C . -23.45 -19.57 -23.93
O6 NAG C . -21.09 -19.99 -25.61
O7 NAG C . -27.77 -19.55 -21.91
C1 BMA C . -24.24 -23.02 -26.75
C2 BMA C . -23.46 -24.18 -27.23
C3 BMA C . -23.65 -24.44 -28.65
C4 BMA C . -25.14 -24.56 -28.94
C5 BMA C . -25.86 -23.22 -28.47
C6 BMA C . -27.39 -23.21 -28.65
O2 BMA C . -23.67 -25.38 -26.50
O3 BMA C . -22.93 -25.63 -29.05
O4 BMA C . -25.28 -24.71 -30.34
O5 BMA C . -25.67 -23.12 -27.03
O6 BMA C . -27.93 -24.54 -28.30
C1 XYP C . -22.66 -25.73 -25.61
C2 XYP C . -23.15 -26.47 -24.41
C3 XYP C . -22.17 -27.32 -23.62
C4 XYP C . -21.06 -27.90 -24.48
C5 XYP C . -20.55 -26.80 -25.42
O2 XYP C . -23.53 -25.52 -23.40
O3 XYP C . -22.89 -28.29 -22.82
O4 XYP C . -19.97 -28.30 -23.64
O5 XYP C . -21.63 -26.42 -26.32
C1 FUC C . -24.01 -15.34 -24.32
C2 FUC C . -23.45 -15.26 -25.76
C3 FUC C . -23.74 -16.63 -26.42
C4 FUC C . -25.17 -17.09 -26.29
C5 FUC C . -25.62 -17.08 -24.80
C6 FUC C . -27.18 -17.19 -24.80
O2 FUC C . -21.99 -15.18 -25.68
O3 FUC C . -23.47 -16.42 -27.81
O4 FUC C . -26.04 -16.16 -26.95
O5 FUC C . -25.39 -15.73 -24.28
C1 NAG D . -10.03 -21.92 11.06
C2 NAG D . -10.54 -22.43 9.76
C3 NAG D . -11.00 -23.87 10.13
C4 NAG D . -9.91 -24.56 10.88
C5 NAG D . -9.47 -23.86 12.18
C6 NAG D . -8.19 -24.57 12.73
C7 NAG D . -11.38 -20.80 8.20
C8 NAG D . -12.63 -19.97 7.91
N2 NAG D . -11.58 -21.57 9.26
O3 NAG D . -11.19 -24.58 8.91
O4 NAG D . -10.39 -25.88 11.20
O5 NAG D . -8.96 -22.52 11.79
O6 NAG D . -7.95 -24.06 14.07
O7 NAG D . -10.43 -20.93 7.40
C1 NAG D . -9.48 -26.88 10.94
C2 NAG D . -10.04 -28.10 11.75
C3 NAG D . -9.25 -29.29 11.44
C4 NAG D . -9.26 -29.49 9.91
C5 NAG D . -8.71 -28.22 9.19
C6 NAG D . -8.73 -28.43 7.69
C7 NAG D . -10.96 -27.74 13.91
C8 NAG D . -10.61 -27.34 15.34
N2 NAG D . -9.87 -27.82 13.15
O3 NAG D . -9.85 -30.40 12.09
O4 NAG D . -8.10 -30.28 9.78
O5 NAG D . -9.59 -27.21 9.57
O6 NAG D . -8.12 -27.29 7.04
O7 NAG D . -12.10 -27.71 13.40
C1 MAN D . -8.46 -31.39 9.09
C2 MAN D . -7.16 -31.61 8.37
C3 MAN D . -7.38 -32.73 7.48
C4 MAN D . -7.91 -33.77 8.46
C5 MAN D . -8.95 -33.51 9.56
C6 MAN D . -9.63 -34.12 10.80
O2 MAN D . -6.20 -32.17 9.29
O3 MAN D . -6.01 -33.12 7.06
O4 MAN D . -7.54 -34.91 7.72
O5 MAN D . -8.60 -32.31 10.26
O6 MAN D . -8.76 -34.67 11.85
C1 XYP D . -5.09 -31.30 9.33
C2 XYP D . -4.57 -31.02 10.69
C3 XYP D . -3.31 -30.12 10.61
C4 XYP D . -2.34 -30.96 9.84
C5 XYP D . -2.86 -31.15 8.42
O2 XYP D . -5.46 -30.27 11.47
O3 XYP D . -3.03 -29.56 11.92
O4 XYP D . -0.97 -30.68 9.99
O5 XYP D . -4.12 -31.88 8.45
C1 MAN D . -6.10 -33.56 5.70
C2 MAN D . -4.74 -34.10 5.22
C3 MAN D . -3.59 -33.08 5.35
C4 MAN D . -3.98 -31.87 4.41
C5 MAN D . -5.39 -31.39 4.86
C6 MAN D . -5.93 -30.21 4.06
O2 MAN D . -4.90 -34.22 3.81
O3 MAN D . -2.40 -33.67 4.79
O4 MAN D . -3.00 -30.83 4.58
O5 MAN D . -6.42 -32.46 4.85
O6 MAN D . -6.96 -29.64 4.87
C1 FUC D . -12.53 -24.28 8.50
C2 FUC D . -12.61 -24.62 6.99
C3 FUC D . -12.17 -26.14 6.94
C4 FUC D . -13.06 -27.03 7.77
C5 FUC D . -13.10 -26.56 9.24
C6 FUC D . -14.35 -27.23 9.90
O2 FUC D . -11.49 -23.87 6.39
O3 FUC D . -12.42 -26.53 5.60
O4 FUC D . -14.39 -26.96 7.21
O5 FUC D . -13.33 -25.12 9.30
C1 NAG E . -21.47 19.69 3.78
C2 NAG E . -22.07 21.06 3.67
C3 NAG E . -23.43 20.90 4.34
C4 NAG E . -24.17 19.77 3.58
C5 NAG E . -23.38 18.43 3.66
C6 NAG E . -24.09 17.34 2.88
C7 NAG E . -20.85 23.21 3.88
C8 NAG E . -20.28 24.16 4.86
N2 NAG E . -21.24 22.04 4.38
O3 NAG E . -24.03 22.17 4.26
O4 NAG E . -25.45 19.55 4.19
O5 NAG E . -22.10 18.66 3.05
O6 NAG E . -23.94 16.11 3.56
O7 NAG E . -20.96 23.47 2.76
C1 NAG F . -9.45 23.77 10.69
C2 NAG F . -10.13 25.09 10.31
C3 NAG F . -10.85 25.51 11.58
C4 NAG F . -11.81 24.34 11.86
C5 NAG F . -11.04 23.02 12.18
C6 NAG F . -11.92 21.85 12.48
C7 NAG F . -8.99 26.50 8.58
C8 NAG F . -8.00 27.61 8.46
N2 NAG F . -9.15 26.06 9.86
O3 NAG F . -11.53 26.70 11.20
O4 NAG F . -12.65 24.65 12.99
O5 NAG F . -10.35 22.71 10.96
O6 NAG F . -12.89 21.54 11.54
O7 NAG F . -9.60 26.09 7.70
C1 NAG G . 10.37 -7.28 25.92
C2 NAG G . 10.54 -8.64 25.34
C3 NAG G . 11.02 -9.46 26.53
C4 NAG G . 12.23 -8.68 27.12
C5 NAG G . 11.87 -7.28 27.67
C6 NAG G . 13.05 -6.53 28.23
C7 NAG G . 8.37 -9.39 23.93
C8 NAG G . 8.12 -9.30 22.49
N2 NAG G . 9.51 -9.01 24.44
O3 NAG G . 11.45 -10.71 26.02
O4 NAG G . 12.75 -9.36 28.27
O5 NAG G . 11.39 -6.55 26.54
O6 NAG G . 13.76 -5.78 27.30
O7 NAG G . 7.68 -9.78 24.74
C1 NAG H . 16.20 -4.75 -19.78
C2 NAG H . 16.03 -5.58 -21.05
C3 NAG H . 16.21 -7.05 -20.88
C4 NAG H . 17.36 -7.46 -19.92
C5 NAG H . 17.33 -6.63 -18.63
C6 NAG H . 18.64 -6.76 -17.84
C7 NAG H . 14.26 -4.76 -22.59
C8 NAG H . 12.79 -4.82 -22.86
N2 NAG H . 14.59 -5.36 -21.42
O3 NAG H . 16.54 -7.54 -22.19
O4 NAG H . 17.13 -8.84 -19.58
O5 NAG H . 17.20 -5.27 -18.93
O6 NAG H . 18.57 -5.93 -16.70
O7 NAG H . 15.02 -4.27 -23.29
C1 NAG I . 4.63 -19.48 -20.34
C2 NAG I . 3.75 -20.14 -21.40
C3 NAG I . 3.31 -19.12 -22.42
C4 NAG I . 2.64 -17.91 -21.72
C5 NAG I . 3.58 -17.37 -20.63
C6 NAG I . 2.93 -16.30 -19.77
C7 NAG I . 4.32 -22.56 -21.71
C8 NAG I . 5.37 -23.46 -22.25
N2 NAG I . 4.45 -21.26 -22.07
O3 NAG I . 2.38 -19.76 -23.28
O4 NAG I . 2.33 -16.85 -22.64
O5 NAG I . 3.80 -18.45 -19.74
O6 NAG I . 2.57 -16.80 -18.53
O7 NAG I . 3.47 -22.92 -21.05
C1 NAG J . 13.89 27.02 -6.76
C2 NAG J . 14.76 28.25 -6.76
C3 NAG J . 14.81 28.94 -5.43
C4 NAG J . 13.34 29.08 -4.99
C5 NAG J . 12.75 27.66 -4.76
C6 NAG J . 11.34 27.82 -4.23
C7 NAG J . 16.47 28.08 -8.52
C8 NAG J . 17.88 27.79 -8.85
N2 NAG J . 16.11 27.85 -7.22
O3 NAG J . 15.33 30.25 -5.67
O4 NAG J . 13.16 29.86 -3.81
O5 NAG J . 12.67 27.09 -6.03
O6 NAG J . 10.43 28.09 -5.25
O7 NAG J . 15.73 28.48 -9.31
C1 G2F K . 0.46 2.31 -2.84
C2 G2F K . 1.93 1.87 -2.64
C3 G2F K . 2.63 3.24 -2.88
C4 G2F K . 2.48 3.49 -4.39
C5 G2F K . 0.98 3.79 -4.57
C6 G2F K . 0.44 4.10 -6.01
O3 G2F K . 3.99 3.10 -2.51
O4 G2F K . 3.23 4.65 -4.81
O5 G2F K . 0.27 2.55 -4.28
O6 G2F K . 1.00 3.10 -6.86
F2 G2F K . 1.92 1.59 -1.24
ZN ZN L . 22.00 6.23 -7.56
S SO4 M . 19.31 -18.60 -3.55
O1 SO4 M . 18.09 -19.22 -4.19
O2 SO4 M . 19.73 -19.41 -2.39
O3 SO4 M . 19.01 -17.22 -3.11
O4 SO4 M . 20.35 -18.53 -4.60
S SO4 N . 26.46 -9.89 13.84
O1 SO4 N . 25.64 -10.26 15.02
O2 SO4 N . 26.53 -8.39 13.68
O3 SO4 N . 25.83 -10.51 12.62
O4 SO4 N . 27.87 -10.38 14.00
S SO4 O . -2.55 -8.01 -11.34
O1 SO4 O . -2.59 -8.52 -9.94
O2 SO4 O . -2.30 -6.53 -11.38
O3 SO4 O . -3.87 -8.24 -11.99
O4 SO4 O . -1.44 -8.69 -12.12
S SO4 P . -24.27 7.17 -11.86
O1 SO4 P . -24.11 6.01 -10.98
O2 SO4 P . -25.30 8.17 -11.50
O3 SO4 P . -24.70 6.85 -13.30
O4 SO4 P . -22.97 7.82 -12.23
S SO4 Q . -15.02 -24.22 -11.57
O1 SO4 Q . -16.47 -23.94 -11.66
O2 SO4 Q . -14.36 -23.67 -12.85
O3 SO4 Q . -14.48 -25.62 -11.59
O4 SO4 Q . -14.43 -23.67 -10.31
S SO4 R . 19.83 1.42 21.12
O1 SO4 R . 18.43 1.57 21.66
O2 SO4 R . 20.73 1.14 22.30
O3 SO4 R . 20.19 2.77 20.58
O4 SO4 R . 20.02 0.35 20.07
S SO4 S . 15.82 0.14 -21.72
O1 SO4 S . 14.74 0.71 -20.86
O2 SO4 S . 15.75 0.79 -23.08
O3 SO4 S . 15.62 -1.34 -21.88
O4 SO4 S . 17.18 0.39 -21.15
S SO4 T . 0.17 -6.84 -9.57
O1 SO4 T . 1.24 -6.25 -8.70
O2 SO4 T . -0.66 -5.67 -9.99
O3 SO4 T . -0.58 -7.88 -8.82
O4 SO4 T . 0.78 -7.45 -10.79
C1 GOL U . -26.12 -25.29 -15.85
O1 GOL U . -26.91 -25.64 -14.73
C2 GOL U . -24.81 -24.65 -15.44
O2 GOL U . -25.05 -23.25 -15.24
C3 GOL U . -23.71 -24.85 -16.47
O3 GOL U . -24.10 -24.73 -17.81
C1 GOL V . 18.10 -6.45 -5.28
O1 GOL V . 17.68 -6.29 -6.66
O1 GOL V . 17.96 -5.48 -4.28
C2 GOL V . 18.72 -7.76 -5.04
O2 GOL V . 19.39 -8.15 -3.85
C3 GOL V . 19.67 -8.19 -6.16
O3 GOL V . 20.77 -7.36 -6.27
C1 GOL W . -2.14 7.49 25.97
O1 GOL W . -1.16 8.69 26.37
C2 GOL W . -2.99 6.62 27.08
O2 GOL W . -3.06 7.52 28.42
C3 GOL W . -2.45 5.20 27.67
O3 GOL W . -1.46 5.00 28.70
C1 GOL X . -1.83 16.36 18.40
O1 GOL X . -2.82 17.37 18.29
C2 GOL X . -2.41 14.97 18.45
O2 GOL X . -3.59 14.82 19.23
C3 GOL X . -2.59 14.42 17.05
O3 GOL X . -3.05 13.10 17.16
#